data_6VGT
#
_entry.id   6VGT
#
_entity_poly.entity_id   1
_entity_poly.type   'polypeptide(L)'
_entity_poly.pdbx_seq_one_letter_code
;(ABA)(DBU)PVCAVAA(DBU)AAAA(DHA)AACGWVGGGIFTGV(DBU)VVV(DAL)LKHC
;
_entity_poly.pdbx_strand_id   A
#
# COMPACT_ATOMS: atom_id res chain seq x y z
N PRO A 3 -7.23 22.60 -6.42
CA PRO A 3 -5.96 21.84 -6.62
C PRO A 3 -5.50 21.13 -5.35
N VAL A 4 -5.59 21.83 -4.21
CA VAL A 4 -5.17 21.26 -2.94
C VAL A 4 -5.99 20.02 -2.60
N CYS A 5 -7.31 20.12 -2.78
CA CYS A 5 -8.18 19.00 -2.50
C CYS A 5 -7.85 17.81 -3.38
N ALA A 6 -7.54 18.09 -4.65
CA ALA A 6 -7.20 17.03 -5.59
C ALA A 6 -5.92 16.34 -5.16
N VAL A 7 -4.97 17.12 -4.66
CA VAL A 7 -3.70 16.55 -4.21
C VAL A 7 -3.91 15.61 -3.04
N ALA A 8 -4.73 16.02 -2.09
CA ALA A 8 -5.02 15.19 -0.92
C ALA A 8 -5.68 13.89 -1.34
N ALA A 9 -6.61 13.98 -2.29
CA ALA A 9 -7.31 12.80 -2.76
C ALA A 9 -6.35 11.83 -3.44
N ALA A 11 -2.90 11.63 -2.99
CA ALA A 11 -2.03 11.06 -1.99
C ALA A 11 -2.82 10.18 -1.02
N ALA A 12 -4.01 10.63 -0.67
CA ALA A 12 -4.87 9.88 0.24
C ALA A 12 -5.25 8.53 -0.36
N ALA A 13 -5.53 8.53 -1.66
CA ALA A 13 -5.91 7.31 -2.35
C ALA A 13 -4.76 6.30 -2.33
N ALA A 14 -3.54 6.80 -2.47
CA ALA A 14 -2.36 5.95 -2.47
C ALA A 14 -2.22 5.24 -1.12
N ALA A 16 -3.65 3.48 0.51
CA ALA A 16 -3.93 2.06 0.38
C ALA A 16 -3.27 1.50 -0.89
N ALA A 17 -3.60 2.08 -2.03
CA ALA A 17 -3.05 1.63 -3.29
C ALA A 17 -1.53 1.79 -3.32
N CYS A 18 -1.05 2.96 -2.94
CA CYS A 18 0.38 3.24 -2.91
C CYS A 18 1.08 2.31 -1.92
N GLY A 19 0.45 2.10 -0.76
CA GLY A 19 1.02 1.23 0.26
C GLY A 19 1.17 -0.20 -0.27
N TRP A 20 0.15 -0.67 -0.97
CA TRP A 20 0.18 -2.02 -1.53
C TRP A 20 1.30 -2.14 -2.56
N VAL A 21 1.49 -1.10 -3.36
CA VAL A 21 2.52 -1.11 -4.38
C VAL A 21 3.87 -0.69 -3.78
N GLY A 22 4.94 -0.93 -4.53
CA GLY A 22 6.28 -0.58 -4.06
C GLY A 22 6.89 -1.72 -3.25
N GLY A 23 6.26 -2.88 -3.33
CA GLY A 23 6.76 -4.05 -2.61
C GLY A 23 6.03 -4.21 -1.28
N GLY A 24 5.16 -3.26 -0.96
CA GLY A 24 4.40 -3.30 0.29
C GLY A 24 3.49 -4.52 0.32
N ILE A 25 2.92 -4.87 -0.82
CA ILE A 25 2.03 -6.02 -0.90
C ILE A 25 2.79 -7.31 -0.62
N PHE A 26 3.98 -7.41 -1.18
CA PHE A 26 4.82 -8.59 -1.00
C PHE A 26 5.21 -8.75 0.47
N THR A 27 5.41 -7.61 1.14
CA THR A 27 5.79 -7.64 2.55
C THR A 27 4.68 -8.28 3.39
N GLY A 28 3.45 -7.83 3.17
CA GLY A 28 2.31 -8.37 3.91
C GLY A 28 2.04 -9.81 3.50
N VAL A 29 2.06 -10.07 2.20
CA VAL A 29 1.82 -11.41 1.68
C VAL A 29 2.94 -12.36 2.11
N VAL A 31 5.11 -11.76 4.56
CA VAL A 31 5.14 -11.80 6.01
C VAL A 31 4.00 -12.66 6.55
N VAL A 32 2.81 -12.46 6.00
CA VAL A 32 1.64 -13.23 6.45
C VAL A 32 1.85 -14.72 6.20
N VAL A 33 2.20 -15.07 4.97
CA VAL A 33 2.42 -16.46 4.61
C VAL A 33 3.33 -17.13 5.63
N LEU A 35 4.65 -16.33 8.82
CA LEU A 35 3.97 -16.42 10.10
C LEU A 35 2.70 -17.26 9.99
N LYS A 36 2.06 -17.22 8.82
CA LYS A 36 0.86 -17.99 8.59
C LYS A 36 1.13 -19.48 8.61
N HIS A 37 2.24 -19.88 8.00
CA HIS A 37 2.60 -21.29 7.94
C HIS A 37 4.03 -21.52 8.45
N CYS A 38 4.93 -20.60 8.11
CA CYS A 38 6.32 -20.71 8.53
C CYS A 38 6.41 -21.41 9.87
N PRO A 3 -9.68 10.73 7.06
CA PRO A 3 -9.27 9.35 6.66
C PRO A 3 -9.38 9.10 5.15
N VAL A 4 -10.46 9.59 4.56
CA VAL A 4 -10.69 9.40 3.12
C VAL A 4 -9.60 10.08 2.30
N CYS A 5 -9.27 11.31 2.67
CA CYS A 5 -8.25 12.08 1.98
C CYS A 5 -6.91 11.36 2.07
N ALA A 6 -6.61 10.80 3.23
CA ALA A 6 -5.37 10.09 3.45
C ALA A 6 -5.29 8.89 2.53
N VAL A 7 -6.42 8.22 2.33
CA VAL A 7 -6.47 7.05 1.47
C VAL A 7 -6.14 7.43 0.03
N ALA A 8 -6.72 8.53 -0.43
CA ALA A 8 -6.48 9.00 -1.79
C ALA A 8 -5.02 9.38 -1.97
N ALA A 9 -4.44 9.99 -0.94
CA ALA A 9 -3.04 10.39 -1.00
C ALA A 9 -2.13 9.17 -1.14
N ALA A 11 -3.09 6.10 -2.31
CA ALA A 11 -3.36 5.47 -3.59
C ALA A 11 -2.74 6.29 -4.74
N ALA A 12 -2.86 7.60 -4.63
CA ALA A 12 -2.31 8.48 -5.65
C ALA A 12 -0.78 8.38 -5.68
N ALA A 13 -0.18 8.25 -4.51
CA ALA A 13 1.27 8.13 -4.41
C ALA A 13 1.75 6.86 -5.12
N ALA A 14 0.97 5.78 -4.98
CA ALA A 14 1.34 4.52 -5.59
C ALA A 14 1.36 4.66 -7.11
N ALA A 16 2.73 6.09 -9.44
CA ALA A 16 4.05 5.81 -9.98
C ALA A 16 4.88 4.94 -9.02
N ALA A 17 4.81 5.26 -7.73
CA ALA A 17 5.55 4.50 -6.72
C ALA A 17 5.12 3.04 -6.68
N CYS A 18 3.81 2.81 -6.64
CA CYS A 18 3.28 1.46 -6.58
C CYS A 18 3.69 0.69 -7.83
N GLY A 19 3.65 1.35 -8.97
CA GLY A 19 4.02 0.72 -10.24
C GLY A 19 5.49 0.32 -10.21
N TRP A 20 6.34 1.19 -9.66
CA TRP A 20 7.76 0.92 -9.59
C TRP A 20 8.03 -0.29 -8.71
N VAL A 21 7.31 -0.37 -7.60
CA VAL A 21 7.48 -1.48 -6.67
C VAL A 21 7.09 -2.79 -7.32
N GLY A 22 5.94 -2.80 -8.00
CA GLY A 22 5.47 -4.00 -8.67
C GLY A 22 4.61 -4.84 -7.73
N GLY A 23 4.71 -4.57 -6.43
CA GLY A 23 3.93 -5.31 -5.45
C GLY A 23 4.83 -5.91 -4.36
N GLY A 24 6.14 -5.82 -4.56
CA GLY A 24 7.08 -6.36 -3.59
C GLY A 24 6.92 -5.69 -2.23
N ILE A 25 7.05 -4.37 -2.19
CA ILE A 25 6.91 -3.63 -0.94
C ILE A 25 5.46 -3.69 -0.45
N PHE A 26 4.53 -3.56 -1.39
CA PHE A 26 3.11 -3.59 -1.08
C PHE A 26 2.73 -4.94 -0.45
N THR A 27 3.26 -6.01 -1.03
CA THR A 27 2.96 -7.36 -0.53
C THR A 27 3.39 -7.48 0.92
N GLY A 28 4.59 -7.00 1.23
CA GLY A 28 5.09 -7.06 2.59
C GLY A 28 4.24 -6.19 3.51
N VAL A 29 3.86 -5.01 3.00
CA VAL A 29 3.04 -4.08 3.75
C VAL A 29 1.66 -4.67 4.03
N VAL A 31 0.88 -7.94 3.61
CA VAL A 31 1.09 -9.22 4.25
C VAL A 31 1.40 -9.04 5.73
N VAL A 32 2.27 -8.09 6.04
CA VAL A 32 2.64 -7.83 7.42
C VAL A 32 1.44 -7.37 8.23
N VAL A 33 0.65 -6.47 7.65
CA VAL A 33 -0.54 -5.97 8.33
C VAL A 33 -1.54 -7.09 8.52
N LEU A 35 -0.98 -10.10 8.95
CA LEU A 35 -0.51 -10.92 10.06
C LEU A 35 -1.10 -10.39 11.38
N LYS A 36 -1.58 -9.15 11.36
CA LYS A 36 -2.15 -8.54 12.57
C LYS A 36 -3.68 -8.63 12.58
N HIS A 37 -4.31 -8.22 11.49
CA HIS A 37 -5.77 -8.24 11.40
C HIS A 37 -6.28 -9.43 10.60
N CYS A 38 -5.40 -10.01 9.81
CA CYS A 38 -5.75 -11.15 8.98
C CYS A 38 -5.48 -12.46 9.72
N PRO A 3 -8.38 22.40 -1.10
CA PRO A 3 -7.98 21.68 0.15
C PRO A 3 -8.35 20.19 0.11
N VAL A 4 -9.57 19.91 -0.38
CA VAL A 4 -10.04 18.53 -0.45
C VAL A 4 -9.13 17.69 -1.36
N CYS A 5 -8.78 18.25 -2.51
CA CYS A 5 -7.93 17.55 -3.45
C CYS A 5 -6.57 17.28 -2.83
N ALA A 6 -6.08 18.23 -2.04
CA ALA A 6 -4.78 18.06 -1.39
C ALA A 6 -4.78 16.82 -0.51
N VAL A 7 -5.81 16.68 0.32
CA VAL A 7 -5.93 15.53 1.21
C VAL A 7 -6.04 14.23 0.40
N ALA A 8 -6.89 14.26 -0.63
CA ALA A 8 -7.09 13.09 -1.47
C ALA A 8 -5.79 12.72 -2.19
N ALA A 9 -4.95 13.73 -2.44
CA ALA A 9 -3.69 13.50 -3.12
C ALA A 9 -2.81 12.55 -2.31
N ALA A 11 -3.88 10.41 0.43
CA ALA A 11 -4.56 9.11 0.55
C ALA A 11 -4.64 8.42 -0.80
N ALA A 12 -5.03 9.17 -1.83
CA ALA A 12 -5.14 8.60 -3.17
C ALA A 12 -3.77 8.22 -3.70
N ALA A 13 -2.77 9.03 -3.39
CA ALA A 13 -1.41 8.76 -3.86
C ALA A 13 -1.01 7.32 -3.54
N ALA A 14 -1.00 6.99 -2.26
CA ALA A 14 -0.64 5.63 -1.84
C ALA A 14 -1.69 4.62 -2.32
N ALA A 16 -2.83 3.55 -4.78
CA ALA A 16 -2.25 2.63 -5.75
C ALA A 16 -0.78 2.35 -5.42
N ALA A 17 -0.03 3.40 -5.15
CA ALA A 17 1.40 3.24 -4.83
C ALA A 17 1.59 2.45 -3.54
N CYS A 18 0.87 2.85 -2.50
CA CYS A 18 0.95 2.17 -1.22
C CYS A 18 0.42 0.74 -1.32
N GLY A 19 -0.65 0.58 -2.10
CA GLY A 19 -1.26 -0.74 -2.28
C GLY A 19 -0.37 -1.63 -3.14
N TRP A 20 0.23 -1.04 -4.18
CA TRP A 20 1.10 -1.80 -5.08
C TRP A 20 2.53 -1.85 -4.55
N VAL A 21 3.05 -0.69 -4.16
CA VAL A 21 4.42 -0.61 -3.65
C VAL A 21 5.27 -1.74 -4.21
N GLY A 22 5.62 -1.61 -5.49
CA GLY A 22 6.44 -2.63 -6.15
C GLY A 22 6.24 -3.99 -5.49
N GLY A 23 7.03 -4.24 -4.45
CA GLY A 23 6.94 -5.52 -3.74
C GLY A 23 7.12 -5.30 -2.24
N GLY A 24 7.29 -4.04 -1.83
CA GLY A 24 7.48 -3.74 -0.42
C GLY A 24 6.22 -4.06 0.39
N ILE A 25 5.09 -3.52 -0.05
CA ILE A 25 3.83 -3.76 0.64
C ILE A 25 3.40 -5.21 0.49
N PHE A 26 3.58 -5.74 -0.72
CA PHE A 26 3.21 -7.13 -0.99
C PHE A 26 4.02 -8.08 -0.12
N THR A 27 5.32 -7.82 -0.01
CA THR A 27 6.20 -8.66 0.79
C THR A 27 5.74 -8.68 2.24
N GLY A 28 5.44 -7.49 2.79
CA GLY A 28 4.99 -7.40 4.16
C GLY A 28 3.62 -8.06 4.33
N VAL A 29 2.74 -7.83 3.37
CA VAL A 29 1.40 -8.43 3.41
C VAL A 29 1.49 -9.94 3.30
N VAL A 31 4.28 -11.66 3.79
CA VAL A 31 5.13 -12.13 4.88
C VAL A 31 4.30 -12.32 6.15
N VAL A 32 3.47 -11.33 6.46
CA VAL A 32 2.64 -11.40 7.65
C VAL A 32 1.65 -12.56 7.55
N VAL A 33 1.01 -12.70 6.40
CA VAL A 33 0.05 -13.77 6.18
C VAL A 33 0.74 -15.11 6.23
N LEU A 35 3.42 -15.72 7.74
CA LEU A 35 3.87 -15.89 9.11
C LEU A 35 2.82 -16.62 9.93
N LYS A 36 1.59 -16.64 9.43
CA LYS A 36 0.50 -17.31 10.13
C LYS A 36 0.22 -18.69 9.52
N HIS A 37 0.09 -18.74 8.21
CA HIS A 37 -0.19 -20.00 7.52
C HIS A 37 1.08 -20.62 6.94
N CYS A 38 2.10 -19.79 6.74
CA CYS A 38 3.36 -20.25 6.20
C CYS A 38 4.33 -20.63 7.31
N PRO A 3 -10.57 12.77 5.15
CA PRO A 3 -10.60 11.37 4.65
C PRO A 3 -10.58 11.32 3.12
N VAL A 4 -11.39 12.18 2.49
CA VAL A 4 -11.45 12.23 1.05
C VAL A 4 -10.12 12.70 0.47
N CYS A 5 -9.56 13.74 1.09
CA CYS A 5 -8.29 14.29 0.63
C CYS A 5 -7.18 13.26 0.76
N ALA A 6 -7.20 12.52 1.86
CA ALA A 6 -6.18 11.49 2.09
C ALA A 6 -6.27 10.40 1.04
N VAL A 7 -7.49 10.06 0.64
CA VAL A 7 -7.70 9.03 -0.37
C VAL A 7 -7.08 9.45 -1.70
N ALA A 8 -7.31 10.70 -2.09
CA ALA A 8 -6.77 11.21 -3.34
C ALA A 8 -5.25 11.25 -3.29
N ALA A 9 -4.71 11.67 -2.14
CA ALA A 9 -3.26 11.75 -1.98
C ALA A 9 -2.64 10.36 -2.06
N ALA A 11 -3.87 7.58 -3.59
CA ALA A 11 -3.91 7.10 -4.96
C ALA A 11 -2.98 7.91 -5.85
N ALA A 12 -2.95 9.22 -5.61
CA ALA A 12 -2.08 10.11 -6.39
C ALA A 12 -0.61 9.77 -6.15
N ALA A 13 -0.28 9.48 -4.89
CA ALA A 13 1.09 9.14 -4.53
C ALA A 13 1.51 7.84 -5.19
N ALA A 14 0.58 6.90 -5.26
CA ALA A 14 0.87 5.60 -5.87
C ALA A 14 1.27 5.78 -7.33
N ALA A 16 3.26 7.01 -9.22
CA ALA A 16 4.63 6.56 -9.48
C ALA A 16 5.08 5.55 -8.42
N ALA A 17 4.82 5.86 -7.16
CA ALA A 17 5.22 4.97 -6.06
C ALA A 17 4.56 3.61 -6.18
N CYS A 18 3.26 3.60 -6.42
CA CYS A 18 2.53 2.35 -6.56
C CYS A 18 3.13 1.51 -7.69
N GLY A 19 3.52 2.18 -8.76
CA GLY A 19 4.13 1.47 -9.89
C GLY A 19 5.43 0.79 -9.48
N TRP A 20 6.30 1.53 -8.81
CA TRP A 20 7.57 0.99 -8.36
C TRP A 20 7.35 -0.12 -7.34
N VAL A 21 6.40 0.11 -6.43
CA VAL A 21 6.10 -0.88 -5.39
C VAL A 21 5.61 -2.18 -6.02
N GLY A 22 4.68 -2.06 -6.97
CA GLY A 22 4.14 -3.24 -7.64
C GLY A 22 3.28 -4.06 -6.68
N GLY A 23 3.29 -3.68 -5.42
CA GLY A 23 2.50 -4.39 -4.41
C GLY A 23 3.34 -5.47 -3.74
N GLY A 24 4.57 -5.63 -4.20
CA GLY A 24 5.46 -6.64 -3.63
C GLY A 24 5.77 -6.34 -2.17
N ILE A 25 6.11 -5.09 -1.88
CA ILE A 25 6.43 -4.70 -0.51
C ILE A 25 5.21 -4.81 0.38
N PHE A 26 4.10 -4.27 -0.09
CA PHE A 26 2.86 -4.32 0.68
C PHE A 26 2.45 -5.76 0.93
N THR A 27 2.73 -6.63 -0.03
CA THR A 27 2.39 -8.04 0.10
C THR A 27 3.11 -8.66 1.29
N GLY A 28 4.40 -8.40 1.41
CA GLY A 28 5.17 -8.93 2.52
C GLY A 28 4.72 -8.32 3.85
N VAL A 29 4.47 -7.01 3.82
CA VAL A 29 4.02 -6.31 5.01
C VAL A 29 2.65 -6.80 5.45
N VAL A 31 1.22 -9.65 4.30
CA VAL A 31 1.32 -11.08 4.49
C VAL A 31 1.96 -11.40 5.85
N VAL A 32 3.05 -10.69 6.17
CA VAL A 32 3.73 -10.90 7.43
C VAL A 32 2.84 -10.55 8.61
N VAL A 33 2.17 -9.40 8.52
CA VAL A 33 1.28 -8.97 9.58
C VAL A 33 0.15 -9.96 9.77
N LEU A 35 0.22 -12.97 9.17
CA LEU A 35 0.81 -14.15 9.78
C LEU A 35 0.73 -14.04 11.31
N LYS A 36 0.49 -12.83 11.80
CA LYS A 36 0.40 -12.61 13.24
C LYS A 36 -1.06 -12.54 13.70
N HIS A 37 -1.86 -11.74 13.03
CA HIS A 37 -3.26 -11.57 13.40
C HIS A 37 -4.17 -12.38 12.47
N CYS A 38 -3.65 -12.74 11.31
CA CYS A 38 -4.42 -13.51 10.33
C CYS A 38 -4.18 -15.00 10.53
N PRO A 3 -10.81 21.55 -0.88
CA PRO A 3 -10.86 20.24 -0.16
C PRO A 3 -10.80 19.06 -1.13
N VAL A 4 -11.56 19.15 -2.22
CA VAL A 4 -11.57 18.09 -3.21
C VAL A 4 -10.21 17.97 -3.88
N CYS A 5 -9.64 19.13 -4.22
CA CYS A 5 -8.33 19.15 -4.89
C CYS A 5 -7.27 18.51 -4.00
N ALA A 6 -7.34 18.79 -2.71
CA ALA A 6 -6.37 18.23 -1.77
C ALA A 6 -6.51 16.72 -1.70
N VAL A 7 -7.75 16.23 -1.76
CA VAL A 7 -8.01 14.81 -1.70
C VAL A 7 -7.37 14.10 -2.89
N ALA A 8 -7.55 14.66 -4.08
CA ALA A 8 -6.98 14.08 -5.29
C ALA A 8 -5.46 14.09 -5.22
N ALA A 9 -4.90 15.16 -4.66
CA ALA A 9 -3.46 15.29 -4.55
C ALA A 9 -2.89 14.19 -3.65
N ALA A 11 -4.54 11.25 -2.84
CA ALA A 11 -4.83 9.96 -3.46
C ALA A 11 -3.93 9.75 -4.67
N ALA A 12 -3.68 10.82 -5.42
CA ALA A 12 -2.84 10.73 -6.61
C ALA A 12 -1.41 10.34 -6.22
N ALA A 13 -0.94 10.88 -5.11
CA ALA A 13 0.41 10.59 -4.63
C ALA A 13 0.54 9.12 -4.28
N ALA A 14 -0.52 8.56 -3.69
CA ALA A 14 -0.51 7.16 -3.30
C ALA A 14 -0.33 6.26 -4.52
N ALA A 16 1.42 5.85 -6.63
CA ALA A 16 2.75 5.24 -6.66
C ALA A 16 3.10 4.65 -5.30
N ALA A 17 2.90 5.44 -4.25
CA ALA A 17 3.20 4.98 -2.90
C ALA A 17 2.17 3.97 -2.42
N CYS A 18 0.98 4.47 -2.12
CA CYS A 18 -0.11 3.61 -1.64
C CYS A 18 -0.49 2.59 -2.70
N GLY A 19 -0.70 3.08 -3.91
CA GLY A 19 -1.08 2.21 -5.01
C GLY A 19 -0.06 1.08 -5.19
N TRP A 20 1.21 1.44 -5.19
CA TRP A 20 2.26 0.43 -5.35
C TRP A 20 2.53 -0.28 -4.02
N VAL A 21 3.30 0.38 -3.15
CA VAL A 21 3.61 -0.20 -1.85
C VAL A 21 2.33 -0.54 -1.09
N GLY A 22 1.81 0.43 -0.34
CA GLY A 22 0.60 0.22 0.42
C GLY A 22 0.82 -0.81 1.51
N GLY A 23 2.02 -1.38 1.55
CA GLY A 23 2.35 -2.39 2.55
C GLY A 23 1.83 -3.76 2.13
N GLY A 24 1.45 -3.87 0.86
CA GLY A 24 0.93 -5.12 0.33
C GLY A 24 2.00 -6.22 0.39
N ILE A 25 3.25 -5.84 0.10
CA ILE A 25 4.35 -6.80 0.11
C ILE A 25 4.58 -7.31 1.53
N PHE A 26 4.54 -6.40 2.50
CA PHE A 26 4.75 -6.77 3.90
C PHE A 26 3.70 -7.77 4.35
N THR A 27 2.44 -7.50 4.00
CA THR A 27 1.36 -8.39 4.38
C THR A 27 1.57 -9.78 3.81
N GLY A 28 1.90 -9.84 2.52
CA GLY A 28 2.14 -11.12 1.87
C GLY A 28 3.39 -11.79 2.43
N VAL A 29 4.39 -10.98 2.76
CA VAL A 29 5.62 -11.50 3.32
C VAL A 29 5.39 -12.13 4.69
N VAL A 31 2.45 -13.11 5.88
CA VAL A 31 1.54 -14.23 5.73
C VAL A 31 2.29 -15.46 5.23
N VAL A 32 3.18 -15.26 4.26
CA VAL A 32 3.95 -16.36 3.70
C VAL A 32 4.84 -16.99 4.76
N VAL A 33 5.53 -16.14 5.52
CA VAL A 33 6.41 -16.62 6.58
C VAL A 33 5.62 -17.35 7.64
N LEU A 35 2.68 -18.75 7.27
CA LEU A 35 2.22 -19.98 6.67
C LEU A 35 3.26 -21.09 6.85
N LYS A 36 4.48 -20.68 7.19
CA LYS A 36 5.56 -21.65 7.37
C LYS A 36 5.79 -21.96 8.86
N HIS A 37 6.01 -20.92 9.65
CA HIS A 37 6.26 -21.09 11.08
C HIS A 37 5.00 -20.86 11.90
N CYS A 38 4.01 -20.24 11.29
CA CYS A 38 2.74 -19.95 11.96
C CYS A 38 1.76 -21.10 11.75
N PRO A 3 -12.09 21.41 -1.37
CA PRO A 3 -12.37 19.96 -1.57
C PRO A 3 -11.49 19.33 -2.66
N VAL A 4 -11.32 20.04 -3.77
CA VAL A 4 -10.51 19.52 -4.87
C VAL A 4 -9.08 19.25 -4.41
N CYS A 5 -8.54 20.16 -3.62
CA CYS A 5 -7.19 20.01 -3.10
C CYS A 5 -7.09 18.76 -2.24
N ALA A 6 -8.08 18.55 -1.37
CA ALA A 6 -8.08 17.39 -0.50
C ALA A 6 -8.20 16.12 -1.32
N VAL A 7 -9.02 16.16 -2.36
CA VAL A 7 -9.21 15.00 -3.22
C VAL A 7 -7.91 14.63 -3.92
N ALA A 8 -7.20 15.64 -4.42
CA ALA A 8 -5.94 15.40 -5.12
C ALA A 8 -4.93 14.77 -4.18
N ALA A 9 -4.95 15.18 -2.93
CA ALA A 9 -4.02 14.65 -1.94
C ALA A 9 -4.26 13.15 -1.74
N ALA A 11 -5.77 10.81 -3.96
CA ALA A 11 -5.31 10.07 -5.14
C ALA A 11 -3.81 10.30 -5.36
N ALA A 12 -3.37 11.54 -5.17
CA ALA A 12 -1.97 11.87 -5.35
C ALA A 12 -1.11 11.13 -4.34
N ALA A 13 -1.62 11.00 -3.12
CA ALA A 13 -0.87 10.32 -2.06
C ALA A 13 -0.53 8.89 -2.49
N ALA A 14 -1.55 8.15 -2.90
CA ALA A 14 -1.34 6.77 -3.33
C ALA A 14 -0.58 6.72 -4.64
N ALA A 16 1.89 7.52 -5.74
CA ALA A 16 3.23 7.00 -5.53
C ALA A 16 3.21 5.84 -4.52
N ALA A 17 2.71 6.11 -3.32
CA ALA A 17 2.65 5.08 -2.28
C ALA A 17 1.82 3.89 -2.73
N CYS A 18 0.65 4.17 -3.27
CA CYS A 18 -0.23 3.11 -3.75
C CYS A 18 0.45 2.32 -4.85
N GLY A 19 1.19 3.01 -5.70
CA GLY A 19 1.89 2.36 -6.80
C GLY A 19 2.97 1.41 -6.27
N TRP A 20 3.69 1.85 -5.24
CA TRP A 20 4.74 1.02 -4.66
C TRP A 20 4.17 -0.28 -4.10
N VAL A 21 3.00 -0.19 -3.49
CA VAL A 21 2.35 -1.37 -2.92
C VAL A 21 2.60 -2.58 -3.80
N GLY A 22 1.89 -2.66 -4.92
CA GLY A 22 2.04 -3.78 -5.85
C GLY A 22 1.86 -5.11 -5.12
N GLY A 23 1.19 -5.06 -3.96
CA GLY A 23 0.95 -6.27 -3.17
C GLY A 23 2.17 -6.63 -2.35
N GLY A 24 3.08 -5.68 -2.19
CA GLY A 24 4.29 -5.91 -1.41
C GLY A 24 3.96 -6.22 0.05
N ILE A 25 2.93 -5.56 0.56
CA ILE A 25 2.51 -5.77 1.94
C ILE A 25 2.00 -7.19 2.13
N PHE A 26 1.25 -7.68 1.14
CA PHE A 26 0.70 -9.02 1.20
C PHE A 26 1.82 -10.05 1.34
N THR A 27 2.89 -9.86 0.57
CA THR A 27 4.02 -10.78 0.62
C THR A 27 4.57 -10.86 2.04
N GLY A 28 4.76 -9.70 2.66
CA GLY A 28 5.28 -9.66 4.03
C GLY A 28 4.28 -10.26 5.00
N VAL A 29 2.99 -10.00 4.75
CA VAL A 29 1.94 -10.53 5.61
C VAL A 29 1.87 -12.05 5.52
N VAL A 31 4.28 -13.98 4.49
CA VAL A 31 5.53 -14.52 5.00
C VAL A 31 5.51 -14.60 6.53
N VAL A 32 4.93 -13.57 7.15
CA VAL A 32 4.86 -13.51 8.60
C VAL A 32 4.00 -14.65 9.15
N VAL A 33 2.85 -14.88 8.53
CA VAL A 33 1.97 -15.93 8.98
C VAL A 33 2.67 -17.29 8.84
N LEU A 35 6.01 -18.12 8.76
CA LEU A 35 7.01 -18.27 9.81
C LEU A 35 6.36 -18.19 11.19
N LYS A 36 5.40 -17.28 11.34
CA LYS A 36 4.71 -17.12 12.61
C LYS A 36 3.86 -18.35 12.93
N HIS A 37 3.67 -19.21 11.94
CA HIS A 37 2.87 -20.42 12.14
C HIS A 37 3.43 -21.61 11.36
N CYS A 38 3.43 -21.47 10.04
CA CYS A 38 3.95 -22.53 9.17
C CYS A 38 5.43 -22.32 8.89
N PRO A 3 -10.78 9.56 6.03
CA PRO A 3 -10.64 8.33 5.19
C PRO A 3 -10.50 8.63 3.70
N VAL A 4 -11.26 9.60 3.21
CA VAL A 4 -11.21 9.97 1.80
C VAL A 4 -9.84 10.50 1.41
N CYS A 5 -9.29 11.38 2.24
CA CYS A 5 -7.98 11.95 2.00
C CYS A 5 -6.91 10.86 1.97
N ALA A 6 -7.06 9.89 2.86
CA ALA A 6 -6.11 8.78 2.92
C ALA A 6 -6.10 8.00 1.61
N VAL A 7 -7.28 7.83 1.03
CA VAL A 7 -7.40 7.11 -0.24
C VAL A 7 -6.66 7.86 -1.34
N ALA A 8 -6.88 9.17 -1.40
CA ALA A 8 -6.23 10.00 -2.42
C ALA A 8 -4.72 10.03 -2.21
N ALA A 9 -4.30 10.09 -0.95
CA ALA A 9 -2.88 10.12 -0.63
C ALA A 9 -2.22 8.81 -1.04
N ALA A 11 -3.12 6.80 -3.48
CA ALA A 11 -2.96 6.79 -4.93
C ALA A 11 -1.81 7.69 -5.37
N ALA A 12 -1.77 8.90 -4.83
CA ALA A 12 -0.71 9.84 -5.17
C ALA A 12 0.64 9.31 -4.72
N ALA A 13 0.67 8.73 -3.53
CA ALA A 13 1.90 8.18 -2.98
C ALA A 13 2.40 7.02 -3.84
N ALA A 14 1.47 6.39 -4.55
CA ALA A 14 1.83 5.26 -5.41
C ALA A 14 2.83 5.68 -6.46
N ALA A 16 5.52 6.79 -6.75
CA ALA A 16 6.80 6.13 -6.52
C ALA A 16 6.62 4.74 -5.92
N ALA A 17 5.87 4.66 -4.82
CA ALA A 17 5.63 3.39 -4.15
C ALA A 17 4.94 2.39 -5.07
N CYS A 18 3.90 2.84 -5.76
CA CYS A 18 3.17 1.98 -6.67
C CYS A 18 4.09 1.45 -7.76
N GLY A 19 5.00 2.31 -8.23
CA GLY A 19 5.94 1.90 -9.26
C GLY A 19 6.84 0.77 -8.77
N TRP A 20 7.38 0.94 -7.57
CA TRP A 20 8.25 -0.08 -6.99
C TRP A 20 7.47 -1.36 -6.69
N VAL A 21 6.25 -1.20 -6.18
CA VAL A 21 5.39 -2.33 -5.85
C VAL A 21 6.23 -3.61 -5.73
N GLY A 22 6.45 -4.26 -6.87
CA GLY A 22 7.24 -5.50 -6.89
C GLY A 22 6.41 -6.67 -6.37
N GLY A 23 5.66 -6.42 -5.30
CA GLY A 23 4.83 -7.47 -4.71
C GLY A 23 3.36 -7.27 -5.08
N GLY A 24 3.14 -6.48 -6.14
CA GLY A 24 1.78 -6.21 -6.60
C GLY A 24 1.08 -5.24 -5.68
N ILE A 25 1.86 -4.57 -4.82
CA ILE A 25 1.33 -3.60 -3.89
C ILE A 25 0.48 -4.28 -2.82
N PHE A 26 -0.43 -5.12 -3.25
CA PHE A 26 -1.31 -5.84 -2.33
C PHE A 26 -0.50 -6.70 -1.39
N THR A 27 0.51 -7.40 -1.93
CA THR A 27 1.35 -8.26 -1.11
C THR A 27 2.05 -7.45 -0.02
N GLY A 28 2.61 -6.32 -0.41
CA GLY A 28 3.30 -5.47 0.55
C GLY A 28 2.33 -4.95 1.62
N VAL A 29 1.21 -4.41 1.17
CA VAL A 29 0.20 -3.89 2.09
C VAL A 29 -0.39 -5.00 2.95
N VAL A 31 1.03 -7.93 3.40
CA VAL A 31 2.12 -8.52 4.15
C VAL A 31 2.39 -7.72 5.42
N VAL A 32 2.44 -6.40 5.29
CA VAL A 32 2.70 -5.54 6.43
C VAL A 32 1.55 -5.59 7.44
N VAL A 33 0.32 -5.48 6.93
CA VAL A 33 -0.86 -5.53 7.80
C VAL A 33 -0.95 -6.87 8.52
N LEU A 35 1.22 -9.11 9.05
CA LEU A 35 2.30 -9.21 10.01
C LEU A 35 1.88 -8.58 11.34
N LYS A 36 0.85 -7.74 11.29
CA LYS A 36 0.36 -7.07 12.49
C LYS A 36 -0.81 -7.81 13.15
N HIS A 37 -1.85 -8.07 12.36
CA HIS A 37 -3.03 -8.75 12.90
C HIS A 37 -3.03 -10.24 12.54
N CYS A 38 -2.19 -10.61 11.60
CA CYS A 38 -2.09 -12.00 11.17
C CYS A 38 -1.06 -12.75 12.01
N PRO A 3 -11.19 9.78 4.73
CA PRO A 3 -11.31 9.08 3.43
C PRO A 3 -10.83 9.92 2.26
N VAL A 4 -11.10 11.22 2.32
CA VAL A 4 -10.69 12.13 1.25
C VAL A 4 -9.17 12.29 1.19
N CYS A 5 -8.56 12.62 2.31
CA CYS A 5 -7.12 12.81 2.38
C CYS A 5 -6.41 11.48 2.54
N ALA A 6 -6.89 10.68 3.47
CA ALA A 6 -6.29 9.38 3.73
C ALA A 6 -6.20 8.58 2.43
N VAL A 7 -7.30 8.55 1.68
CA VAL A 7 -7.32 7.83 0.42
C VAL A 7 -6.32 8.44 -0.57
N ALA A 8 -6.33 9.77 -0.66
CA ALA A 8 -5.43 10.47 -1.57
C ALA A 8 -3.98 10.23 -1.17
N ALA A 9 -3.72 10.20 0.12
CA ALA A 9 -2.36 9.97 0.63
C ALA A 9 -1.87 8.58 0.23
N ALA A 11 -3.22 6.69 -2.30
CA ALA A 11 -3.17 6.63 -3.76
C ALA A 11 -1.97 7.39 -4.29
N ALA A 12 -1.67 8.53 -3.66
CA ALA A 12 -0.54 9.35 -4.08
C ALA A 12 0.77 8.59 -3.91
N ALA A 13 0.88 7.85 -2.81
CA ALA A 13 2.09 7.07 -2.54
C ALA A 13 2.27 5.99 -3.59
N ALA A 14 1.16 5.39 -4.02
CA ALA A 14 1.20 4.34 -5.03
C ALA A 14 1.75 4.88 -6.35
N ALA A 16 4.13 6.09 -7.44
CA ALA A 16 5.41 5.49 -7.75
C ALA A 16 5.45 4.03 -7.32
N ALA A 17 5.08 3.77 -6.06
CA ALA A 17 5.10 2.40 -5.54
C ALA A 17 4.14 1.50 -6.31
N CYS A 18 2.91 1.97 -6.48
CA CYS A 18 1.90 1.21 -7.20
C CYS A 18 2.31 1.03 -8.66
N GLY A 19 2.84 2.07 -9.24
CA GLY A 19 3.28 2.02 -10.63
C GLY A 19 4.41 1.01 -10.81
N TRP A 20 5.35 1.03 -9.87
CA TRP A 20 6.48 0.12 -9.92
C TRP A 20 6.02 -1.33 -9.81
N VAL A 21 5.04 -1.56 -8.96
CA VAL A 21 4.51 -2.90 -8.76
C VAL A 21 5.63 -3.93 -8.79
N GLY A 22 6.84 -3.48 -8.52
CA GLY A 22 7.99 -4.37 -8.51
C GLY A 22 7.85 -5.39 -7.37
N GLY A 23 6.62 -5.60 -6.89
CA GLY A 23 6.41 -6.55 -5.81
C GLY A 23 6.33 -5.84 -4.46
N GLY A 24 6.62 -4.54 -4.48
CA GLY A 24 6.59 -3.74 -3.25
C GLY A 24 5.18 -3.67 -2.70
N ILE A 25 4.20 -3.62 -3.59
CA ILE A 25 2.80 -3.54 -3.18
C ILE A 25 2.37 -4.82 -2.46
N PHE A 26 2.80 -5.95 -3.00
CA PHE A 26 2.47 -7.24 -2.41
C PHE A 26 3.02 -7.33 -0.98
N THR A 27 4.26 -6.89 -0.81
CA THR A 27 4.89 -6.94 0.50
C THR A 27 4.09 -6.10 1.50
N GLY A 28 3.72 -4.89 1.08
CA GLY A 28 2.95 -4.00 1.94
C GLY A 28 1.58 -4.59 2.23
N VAL A 29 0.97 -5.18 1.20
CA VAL A 29 -0.34 -5.80 1.34
C VAL A 29 -0.29 -6.98 2.30
N VAL A 31 2.26 -7.54 4.39
CA VAL A 31 2.81 -7.05 5.64
C VAL A 31 1.71 -6.44 6.50
N VAL A 32 0.88 -5.59 5.89
CA VAL A 32 -0.20 -4.94 6.60
C VAL A 32 -1.21 -5.97 7.13
N VAL A 33 -1.55 -6.93 6.30
CA VAL A 33 -2.49 -7.96 6.70
C VAL A 33 -1.90 -8.78 7.83
N LEU A 35 0.24 -8.05 10.31
CA LEU A 35 0.05 -7.37 11.58
C LEU A 35 -1.43 -7.23 11.90
N LYS A 36 -2.22 -6.91 10.88
CA LYS A 36 -3.65 -6.77 11.08
C LYS A 36 -4.27 -8.08 11.56
N HIS A 37 -3.80 -9.20 11.02
CA HIS A 37 -4.35 -10.48 11.40
C HIS A 37 -3.30 -11.41 12.02
N CYS A 38 -2.24 -11.66 11.27
CA CYS A 38 -1.16 -12.54 11.74
C CYS A 38 -0.07 -11.72 12.42
N PRO A 3 -11.82 10.19 4.38
CA PRO A 3 -11.94 9.46 3.10
C PRO A 3 -11.36 10.25 1.93
N VAL A 4 -11.56 11.57 1.96
CA VAL A 4 -11.06 12.42 0.89
C VAL A 4 -9.53 12.49 0.88
N CYS A 5 -8.96 12.82 2.03
CA CYS A 5 -7.50 12.93 2.15
C CYS A 5 -6.88 11.57 2.37
N ALA A 6 -7.43 10.83 3.31
CA ALA A 6 -6.93 9.50 3.61
C ALA A 6 -6.83 8.66 2.35
N VAL A 7 -7.89 8.66 1.55
CA VAL A 7 -7.90 7.90 0.30
C VAL A 7 -6.86 8.45 -0.65
N ALA A 8 -6.79 9.77 -0.78
CA ALA A 8 -5.84 10.41 -1.67
C ALA A 8 -4.40 10.10 -1.23
N ALA A 9 -4.19 10.08 0.08
CA ALA A 9 -2.86 9.81 0.61
C ALA A 9 -2.44 8.38 0.27
N ALA A 11 -3.47 6.53 -2.33
CA ALA A 11 -3.16 6.46 -3.75
C ALA A 11 -1.84 7.17 -4.05
N ALA A 12 -1.63 8.31 -3.40
CA ALA A 12 -0.40 9.07 -3.60
C ALA A 12 0.81 8.29 -3.10
N ALA A 13 0.64 7.63 -1.96
CA ALA A 13 1.72 6.84 -1.38
C ALA A 13 2.09 5.69 -2.31
N ALA A 14 1.12 5.22 -3.07
CA ALA A 14 1.36 4.12 -4.00
C ALA A 14 2.48 4.46 -4.97
N ALA A 16 5.07 5.32 -4.98
CA ALA A 16 6.31 4.64 -4.63
C ALA A 16 6.07 3.14 -4.46
N ALA A 17 5.06 2.80 -3.66
CA ALA A 17 4.76 1.39 -3.43
C ALA A 17 3.99 0.79 -4.60
N CYS A 18 2.74 1.20 -4.77
CA CYS A 18 1.91 0.69 -5.84
C CYS A 18 2.52 1.03 -7.19
N GLY A 19 2.93 2.28 -7.33
CA GLY A 19 3.54 2.72 -8.58
C GLY A 19 4.74 1.86 -8.94
N TRP A 20 5.59 1.57 -7.96
CA TRP A 20 6.77 0.74 -8.18
C TRP A 20 6.36 -0.67 -8.59
N VAL A 21 5.28 -1.16 -7.99
CA VAL A 21 4.78 -2.50 -8.29
C VAL A 21 5.94 -3.42 -8.68
N GLY A 22 5.67 -4.36 -9.57
CA GLY A 22 6.70 -5.29 -10.00
C GLY A 22 6.99 -6.29 -8.89
N GLY A 23 6.24 -6.17 -7.80
CA GLY A 23 6.43 -7.07 -6.67
C GLY A 23 6.03 -6.40 -5.36
N GLY A 24 6.03 -5.08 -5.35
CA GLY A 24 5.67 -4.33 -4.15
C GLY A 24 4.22 -4.60 -3.76
N ILE A 25 3.37 -4.81 -4.77
CA ILE A 25 1.96 -5.06 -4.51
C ILE A 25 1.77 -6.23 -3.54
N PHE A 26 2.26 -7.38 -3.95
CA PHE A 26 2.16 -8.57 -3.11
C PHE A 26 2.86 -8.35 -1.77
N THR A 27 4.04 -7.76 -1.82
CA THR A 27 4.81 -7.51 -0.61
C THR A 27 4.01 -6.61 0.33
N GLY A 28 3.45 -5.54 -0.21
CA GLY A 28 2.65 -4.61 0.59
C GLY A 28 1.40 -5.29 1.11
N VAL A 29 0.80 -6.12 0.24
CA VAL A 29 -0.40 -6.84 0.61
C VAL A 29 -0.14 -7.82 1.74
N VAL A 31 2.72 -7.80 3.61
CA VAL A 31 3.32 -7.05 4.70
C VAL A 31 2.27 -6.27 5.47
N VAL A 32 1.37 -5.62 4.74
CA VAL A 32 0.31 -4.84 5.35
C VAL A 32 -0.63 -5.72 6.15
N VAL A 33 -1.00 -6.86 5.58
CA VAL A 33 -1.90 -7.77 6.27
C VAL A 33 -1.25 -8.24 7.56
N LEU A 35 1.10 -6.83 9.64
CA LEU A 35 0.98 -5.78 10.64
C LEU A 35 -0.48 -5.41 10.87
N LYS A 36 -1.25 -5.35 9.79
CA LYS A 36 -2.66 -5.01 9.89
C LYS A 36 -3.45 -6.16 10.54
N HIS A 37 -2.78 -7.29 10.77
CA HIS A 37 -3.46 -8.43 11.37
C HIS A 37 -2.51 -9.24 12.27
N CYS A 38 -1.47 -9.80 11.67
CA CYS A 38 -0.50 -10.60 12.39
C CYS A 38 0.66 -9.74 12.91
N PRO A 3 -5.66 22.64 -7.24
CA PRO A 3 -4.43 22.02 -6.65
C PRO A 3 -4.70 21.39 -5.29
N VAL A 4 -5.48 22.08 -4.45
CA VAL A 4 -5.81 21.58 -3.12
C VAL A 4 -6.55 20.25 -3.19
N CYS A 5 -7.54 20.19 -4.08
CA CYS A 5 -8.32 18.98 -4.25
C CYS A 5 -7.43 17.83 -4.71
N ALA A 6 -6.50 18.13 -5.59
CA ALA A 6 -5.58 17.11 -6.10
C ALA A 6 -4.71 16.57 -4.97
N VAL A 7 -4.31 17.46 -4.07
CA VAL A 7 -3.47 17.06 -2.95
C VAL A 7 -4.20 16.06 -2.06
N ALA A 8 -5.46 16.36 -1.76
CA ALA A 8 -6.26 15.47 -0.91
C ALA A 8 -6.50 14.13 -1.62
N ALA A 9 -6.77 14.19 -2.92
CA ALA A 9 -7.00 12.98 -3.69
C ALA A 9 -5.76 12.10 -3.72
N ALA A 11 -3.18 11.86 -1.46
CA ALA A 11 -3.03 11.16 -0.19
C ALA A 11 -4.21 10.23 0.05
N ALA A 12 -5.40 10.67 -0.30
CA ALA A 12 -6.60 9.88 -0.11
C ALA A 12 -6.53 8.60 -0.96
N ALA A 13 -5.97 8.73 -2.16
CA ALA A 13 -5.85 7.59 -3.06
C ALA A 13 -4.72 6.66 -2.61
N ALA A 14 -3.50 7.19 -2.60
CA ALA A 14 -2.35 6.41 -2.20
C ALA A 14 -2.48 5.98 -0.75
N ALA A 16 -4.13 4.39 1.20
CA ALA A 16 -4.20 2.93 1.34
C ALA A 16 -3.52 2.25 0.15
N ALA A 17 -3.85 2.71 -1.06
CA ALA A 17 -3.28 2.11 -2.27
C ALA A 17 -1.76 2.23 -2.28
N CYS A 18 -1.26 3.42 -2.01
CA CYS A 18 0.18 3.66 -1.97
C CYS A 18 0.84 2.74 -0.96
N GLY A 19 0.17 2.49 0.16
CA GLY A 19 0.71 1.62 1.19
C GLY A 19 0.86 0.20 0.67
N TRP A 20 -0.15 -0.28 -0.05
CA TRP A 20 -0.12 -1.63 -0.60
C TRP A 20 0.96 -1.74 -1.67
N VAL A 21 1.04 -0.74 -2.54
CA VAL A 21 2.03 -0.73 -3.61
C VAL A 21 3.42 -0.42 -3.04
N GLY A 22 4.44 -0.61 -3.88
CA GLY A 22 5.81 -0.35 -3.46
C GLY A 22 6.42 -1.58 -2.77
N GLY A 23 5.83 -2.74 -3.05
CA GLY A 23 6.33 -3.98 -2.46
C GLY A 23 5.58 -4.30 -1.16
N GLY A 24 4.56 -3.50 -0.85
CA GLY A 24 3.78 -3.72 0.35
C GLY A 24 3.05 -5.05 0.30
N ILE A 25 2.58 -5.42 -0.88
CA ILE A 25 1.87 -6.69 -1.05
C ILE A 25 2.80 -7.87 -0.81
N PHE A 26 4.02 -7.76 -1.33
CA PHE A 26 5.01 -8.82 -1.16
C PHE A 26 5.31 -9.04 0.31
N THR A 27 5.49 -7.94 1.05
CA THR A 27 5.80 -8.03 2.47
C THR A 27 4.68 -8.75 3.20
N GLY A 28 3.43 -8.37 2.92
CA GLY A 28 2.28 -9.00 3.56
C GLY A 28 2.17 -10.46 3.14
N VAL A 29 2.41 -10.72 1.85
CA VAL A 29 2.34 -12.07 1.34
C VAL A 29 3.44 -12.95 1.93
N VAL A 31 5.20 -12.07 4.62
CA VAL A 31 5.05 -11.99 6.06
C VAL A 31 3.96 -12.94 6.55
N VAL A 32 2.82 -12.92 5.87
CA VAL A 32 1.70 -13.79 6.25
C VAL A 32 2.07 -15.24 6.06
N VAL A 33 2.62 -15.58 4.90
CA VAL A 33 3.01 -16.96 4.62
C VAL A 33 3.86 -17.51 5.76
N LEU A 35 4.59 -16.67 8.67
CA LEU A 35 3.78 -16.73 9.87
C LEU A 35 2.59 -17.67 9.67
N LYS A 36 2.10 -17.73 8.44
CA LYS A 36 0.98 -18.58 8.10
C LYS A 36 1.35 -20.05 8.24
N HIS A 37 2.58 -20.38 7.87
CA HIS A 37 3.05 -21.76 7.96
C HIS A 37 4.37 -21.86 8.71
N CYS A 38 5.37 -21.10 8.25
CA CYS A 38 6.68 -21.12 8.88
C CYS A 38 6.78 -20.04 9.96
N PRO A 3 -10.49 20.71 -1.52
CA PRO A 3 -10.69 19.31 -1.07
C PRO A 3 -10.73 18.34 -2.25
N VAL A 4 -11.33 18.78 -3.35
CA VAL A 4 -11.43 17.93 -4.53
C VAL A 4 -10.08 17.68 -5.18
N CYS A 5 -9.35 18.76 -5.45
CA CYS A 5 -8.03 18.63 -6.09
C CYS A 5 -6.97 18.31 -5.05
N ALA A 6 -6.99 19.07 -3.97
CA ALA A 6 -6.01 18.87 -2.90
C ALA A 6 -6.01 17.41 -2.46
N VAL A 7 -7.18 16.86 -2.23
CA VAL A 7 -7.29 15.46 -1.81
C VAL A 7 -6.78 14.54 -2.91
N ALA A 8 -7.18 14.82 -4.15
CA ALA A 8 -6.74 13.99 -5.27
C ALA A 8 -5.23 14.03 -5.42
N ALA A 9 -4.65 15.20 -5.19
CA ALA A 9 -3.20 15.36 -5.31
C ALA A 9 -2.48 14.41 -4.36
N ALA A 11 -3.87 11.83 -2.91
CA ALA A 11 -4.29 10.48 -3.25
C ALA A 11 -3.51 9.95 -4.44
N ALA A 12 -3.23 10.84 -5.40
CA ALA A 12 -2.49 10.46 -6.59
C ALA A 12 -1.08 10.00 -6.22
N ALA A 13 -0.47 10.70 -5.28
CA ALA A 13 0.88 10.35 -4.83
C ALA A 13 0.88 8.99 -4.16
N ALA A 14 -0.15 8.72 -3.38
CA ALA A 14 -0.26 7.44 -2.69
C ALA A 14 -0.32 6.29 -3.68
N ALA A 16 1.05 5.26 -5.77
CA ALA A 16 2.33 4.56 -5.85
C ALA A 16 2.79 4.16 -4.46
N ALA A 17 2.85 5.13 -3.55
CA ALA A 17 3.30 4.84 -2.19
C ALA A 17 2.20 4.15 -1.38
N CYS A 18 1.13 4.89 -1.07
CA CYS A 18 0.02 4.33 -0.31
C CYS A 18 -0.62 3.18 -1.06
N GLY A 19 -0.89 3.41 -2.33
CA GLY A 19 -1.52 2.39 -3.17
C GLY A 19 -0.70 1.10 -3.13
N TRP A 20 0.63 1.22 -3.22
CA TRP A 20 1.49 0.05 -3.19
C TRP A 20 1.42 -0.63 -1.83
N VAL A 21 1.51 0.19 -0.77
CA VAL A 21 1.46 -0.33 0.59
C VAL A 21 0.02 -0.33 1.11
N GLY A 22 -0.12 -0.33 2.44
CA GLY A 22 -1.43 -0.33 3.05
C GLY A 22 -2.01 -1.74 3.11
N GLY A 23 -1.15 -2.73 2.86
CA GLY A 23 -1.58 -4.12 2.88
C GLY A 23 -0.66 -5.00 2.05
N GLY A 24 0.03 -4.38 1.10
CA GLY A 24 0.94 -5.12 0.24
C GLY A 24 2.08 -5.74 1.05
N ILE A 25 2.69 -4.93 1.92
CA ILE A 25 3.78 -5.41 2.75
C ILE A 25 3.28 -6.44 3.77
N PHE A 26 2.12 -6.14 4.34
CA PHE A 26 1.53 -7.04 5.33
C PHE A 26 1.26 -8.41 4.72
N THR A 27 0.67 -8.41 3.53
CA THR A 27 0.37 -9.66 2.84
C THR A 27 1.65 -10.43 2.52
N GLY A 28 2.64 -9.72 2.01
CA GLY A 28 3.91 -10.35 1.67
C GLY A 28 4.63 -10.84 2.93
N VAL A 29 4.69 -9.98 3.94
CA VAL A 29 5.36 -10.33 5.18
C VAL A 29 4.64 -11.48 5.88
N VAL A 31 2.38 -13.51 4.35
CA VAL A 31 2.37 -14.65 3.45
C VAL A 31 3.73 -15.33 3.43
N VAL A 32 4.79 -14.52 3.36
CA VAL A 32 6.15 -15.05 3.34
C VAL A 32 6.46 -15.80 4.63
N VAL A 33 6.12 -15.19 5.75
CA VAL A 33 6.37 -15.81 7.04
C VAL A 33 5.57 -17.09 7.17
N LEU A 35 4.67 -18.96 4.94
CA LEU A 35 5.33 -19.92 4.09
C LEU A 35 6.54 -20.52 4.81
N LYS A 36 7.27 -19.69 5.53
CA LYS A 36 8.46 -20.14 6.26
C LYS A 36 8.19 -20.29 7.75
N HIS A 37 6.91 -20.35 8.11
CA HIS A 37 6.53 -20.49 9.53
C HIS A 37 5.22 -21.24 9.68
N CYS A 38 4.17 -20.50 10.04
CA CYS A 38 2.85 -21.08 10.21
C CYS A 38 2.55 -22.06 9.09
N PRO A 3 -13.16 14.05 1.31
CA PRO A 3 -12.82 13.41 0.01
C PRO A 3 -11.35 13.63 -0.40
N VAL A 4 -10.86 14.85 -0.18
CA VAL A 4 -9.49 15.18 -0.54
C VAL A 4 -8.49 14.34 0.24
N CYS A 5 -8.73 14.23 1.55
CA CYS A 5 -7.86 13.45 2.42
C CYS A 5 -7.85 11.99 1.99
N ALA A 6 -9.01 11.47 1.64
CA ALA A 6 -9.12 10.09 1.20
C ALA A 6 -8.32 9.86 -0.08
N VAL A 7 -8.36 10.85 -0.98
CA VAL A 7 -7.64 10.76 -2.23
C VAL A 7 -6.14 10.71 -1.97
N ALA A 8 -5.66 11.57 -1.08
CA ALA A 8 -4.25 11.62 -0.75
C ALA A 8 -3.79 10.30 -0.12
N ALA A 9 -4.67 9.72 0.70
CA ALA A 9 -4.35 8.46 1.36
C ALA A 9 -4.16 7.35 0.34
N ALA A 11 -3.26 7.57 -3.04
CA ALA A 11 -1.99 7.74 -3.74
C ALA A 11 -0.83 7.63 -2.77
N ALA A 12 -0.97 8.27 -1.62
CA ALA A 12 0.08 8.24 -0.60
C ALA A 12 0.26 6.82 -0.07
N ALA A 13 -0.84 6.10 0.06
CA ALA A 13 -0.80 4.74 0.56
C ALA A 13 0.00 3.84 -0.38
N ALA A 14 -0.15 4.08 -1.68
CA ALA A 14 0.56 3.29 -2.67
C ALA A 14 2.06 3.42 -2.49
N ALA A 16 3.94 3.16 -0.57
CA ALA A 16 4.49 1.99 0.09
C ALA A 16 4.10 0.72 -0.66
N ALA A 17 2.80 0.53 -0.88
CA ALA A 17 2.32 -0.66 -1.58
C ALA A 17 2.53 -0.53 -3.09
N CYS A 18 1.80 0.39 -3.72
CA CYS A 18 1.93 0.59 -5.15
C CYS A 18 3.34 1.04 -5.52
N GLY A 19 3.83 2.02 -4.78
CA GLY A 19 5.17 2.55 -5.03
C GLY A 19 6.21 1.44 -4.96
N TRP A 20 6.10 0.57 -3.96
CA TRP A 20 7.05 -0.54 -3.81
C TRP A 20 6.95 -1.48 -4.99
N VAL A 21 5.73 -1.69 -5.49
CA VAL A 21 5.50 -2.57 -6.62
C VAL A 21 6.64 -3.58 -6.75
N GLY A 22 7.13 -3.79 -7.96
CA GLY A 22 8.21 -4.74 -8.17
C GLY A 22 7.70 -6.16 -8.00
N GLY A 23 6.45 -6.28 -7.59
CA GLY A 23 5.84 -7.60 -7.38
C GLY A 23 4.34 -7.48 -7.13
N GLY A 24 3.64 -6.80 -8.04
CA GLY A 24 2.22 -6.63 -7.89
C GLY A 24 1.89 -6.07 -6.52
N ILE A 25 1.32 -4.87 -6.49
CA ILE A 25 0.98 -4.24 -5.23
C ILE A 25 0.53 -5.29 -4.22
N PHE A 26 -0.06 -6.37 -4.73
CA PHE A 26 -0.54 -7.44 -3.87
C PHE A 26 0.59 -7.98 -3.00
N THR A 27 1.77 -8.20 -3.59
CA THR A 27 2.90 -8.70 -2.83
C THR A 27 3.25 -7.73 -1.71
N GLY A 28 3.32 -6.45 -2.05
CA GLY A 28 3.65 -5.41 -1.05
C GLY A 28 2.53 -5.29 -0.03
N VAL A 29 1.28 -5.36 -0.50
CA VAL A 29 0.13 -5.24 0.38
C VAL A 29 0.08 -6.42 1.35
N VAL A 31 2.59 -8.40 2.18
CA VAL A 31 3.76 -8.36 3.06
C VAL A 31 3.54 -7.35 4.19
N VAL A 32 2.98 -6.19 3.85
CA VAL A 32 2.73 -5.15 4.84
C VAL A 32 1.74 -5.63 5.89
N VAL A 33 0.66 -6.25 5.42
CA VAL A 33 -0.36 -6.75 6.34
C VAL A 33 0.21 -7.83 7.23
N LEU A 35 3.19 -8.08 7.99
CA LEU A 35 4.22 -7.47 8.79
C LEU A 35 3.59 -6.66 9.92
N LYS A 36 2.27 -6.58 9.91
CA LYS A 36 1.54 -5.83 10.94
C LYS A 36 0.54 -6.71 11.67
N HIS A 37 0.02 -7.72 10.98
CA HIS A 37 -0.98 -8.61 11.58
C HIS A 37 -0.44 -10.04 11.70
N CYS A 38 -0.53 -10.78 10.61
CA CYS A 38 -0.04 -12.15 10.58
C CYS A 38 1.48 -12.18 10.69
N PRO A 3 -10.43 22.39 -6.05
CA PRO A 3 -10.58 21.05 -6.68
C PRO A 3 -9.25 20.31 -6.81
N VAL A 4 -8.18 21.07 -7.00
CA VAL A 4 -6.84 20.48 -7.13
C VAL A 4 -6.43 19.83 -5.81
N CYS A 5 -6.60 20.57 -4.71
CA CYS A 5 -6.23 20.05 -3.40
C CYS A 5 -7.06 18.82 -3.06
N ALA A 6 -8.34 18.86 -3.41
CA ALA A 6 -9.22 17.73 -3.13
C ALA A 6 -8.75 16.48 -3.87
N VAL A 7 -8.35 16.65 -5.13
CA VAL A 7 -7.88 15.53 -5.92
C VAL A 7 -6.58 14.97 -5.34
N ALA A 8 -5.67 15.86 -4.97
CA ALA A 8 -4.39 15.43 -4.40
C ALA A 8 -4.62 14.63 -3.12
N ALA A 9 -5.73 14.91 -2.44
CA ALA A 9 -6.05 14.21 -1.21
C ALA A 9 -6.23 12.72 -1.46
N ALA A 11 -5.03 10.99 -4.17
CA ALA A 11 -3.74 10.45 -4.59
C ALA A 11 -2.77 10.37 -3.43
N ALA A 12 -2.82 11.39 -2.55
CA ALA A 12 -1.93 11.42 -1.40
C ALA A 12 -2.22 10.24 -0.47
N ALA A 13 -3.50 9.92 -0.30
CA ALA A 13 -3.88 8.81 0.57
C ALA A 13 -3.32 7.50 0.04
N ALA A 14 -3.38 7.31 -1.27
CA ALA A 14 -2.86 6.10 -1.89
C ALA A 14 -1.35 6.01 -1.73
N ALA A 16 0.63 5.86 0.33
CA ALA A 16 0.99 4.77 1.23
C ALA A 16 0.09 3.56 1.00
N ALA A 17 -1.22 3.78 1.01
CA ALA A 17 -2.18 2.70 0.82
C ALA A 17 -2.04 2.10 -0.58
N CYS A 18 -2.03 2.97 -1.59
CA CYS A 18 -1.90 2.51 -2.97
C CYS A 18 -0.57 1.81 -3.17
N GLY A 19 0.49 2.37 -2.60
CA GLY A 19 1.82 1.79 -2.74
C GLY A 19 1.86 0.39 -2.13
N TRP A 20 1.23 0.23 -0.97
CA TRP A 20 1.20 -1.05 -0.29
C TRP A 20 0.50 -2.10 -1.16
N VAL A 21 -0.58 -1.71 -1.81
CA VAL A 21 -1.33 -2.61 -2.67
C VAL A 21 -0.48 -3.05 -3.85
N GLY A 22 0.53 -2.24 -4.18
CA GLY A 22 1.42 -2.56 -5.29
C GLY A 22 2.32 -3.75 -4.96
N GLY A 23 1.76 -4.72 -4.25
CA GLY A 23 2.51 -5.90 -3.86
C GLY A 23 3.04 -5.77 -2.43
N GLY A 24 2.90 -4.59 -1.86
CA GLY A 24 3.38 -4.34 -0.50
C GLY A 24 2.65 -5.24 0.50
N ILE A 25 1.34 -5.36 0.33
CA ILE A 25 0.55 -6.20 1.22
C ILE A 25 0.91 -7.67 1.05
N PHE A 26 1.10 -8.08 -0.20
CA PHE A 26 1.45 -9.47 -0.49
C PHE A 26 2.76 -9.85 0.20
N THR A 27 3.75 -8.95 0.13
CA THR A 27 5.03 -9.20 0.76
C THR A 27 4.88 -9.36 2.27
N GLY A 28 4.12 -8.44 2.87
CA GLY A 28 3.90 -8.49 4.31
C GLY A 28 3.12 -9.74 4.70
N VAL A 29 2.02 -10.00 3.98
CA VAL A 29 1.20 -11.17 4.26
C VAL A 29 1.98 -12.45 3.98
N VAL A 31 5.25 -12.64 3.75
CA VAL A 31 6.41 -12.63 4.63
C VAL A 31 6.03 -13.12 6.02
N VAL A 32 4.92 -12.62 6.54
CA VAL A 32 4.46 -13.00 7.87
C VAL A 32 4.14 -14.49 7.91
N VAL A 33 3.43 -14.96 6.90
CA VAL A 33 3.04 -16.37 6.84
C VAL A 33 4.29 -17.24 6.80
N LEU A 35 7.46 -16.77 7.97
CA LEU A 35 8.03 -16.88 9.29
C LEU A 35 7.08 -17.58 10.24
N LYS A 36 5.80 -17.25 10.14
CA LYS A 36 4.80 -17.88 11.01
C LYS A 36 4.74 -19.38 10.78
N HIS A 37 4.84 -19.79 9.52
CA HIS A 37 4.76 -21.20 9.19
C HIS A 37 6.06 -21.69 8.56
N CYS A 38 6.42 -21.11 7.42
CA CYS A 38 7.64 -21.50 6.72
C CYS A 38 8.83 -20.65 7.17
N PRO A 3 -11.54 6.94 3.72
CA PRO A 3 -11.45 7.32 2.29
C PRO A 3 -10.60 8.57 2.06
N VAL A 4 -10.69 9.51 2.99
CA VAL A 4 -9.92 10.76 2.87
C VAL A 4 -8.42 10.51 3.03
N CYS A 5 -8.05 9.85 4.12
CA CYS A 5 -6.64 9.56 4.39
C CYS A 5 -6.19 8.34 3.62
N ALA A 6 -6.98 7.28 3.72
CA ALA A 6 -6.66 6.03 3.03
C ALA A 6 -6.37 6.30 1.56
N VAL A 7 -7.24 7.09 0.93
CA VAL A 7 -7.06 7.43 -0.48
C VAL A 7 -5.79 8.22 -0.68
N ALA A 8 -5.56 9.22 0.18
CA ALA A 8 -4.38 10.05 0.07
C ALA A 8 -3.11 9.22 0.28
N ALA A 9 -3.18 8.29 1.23
CA ALA A 9 -2.04 7.42 1.52
C ALA A 9 -1.72 6.53 0.32
N ALA A 11 -2.20 7.22 -2.76
CA ALA A 11 -1.55 8.03 -3.78
C ALA A 11 -0.05 8.11 -3.54
N ALA A 12 0.33 8.43 -2.31
CA ALA A 12 1.74 8.54 -1.95
C ALA A 12 2.42 7.17 -2.05
N ALA A 13 1.71 6.14 -1.61
CA ALA A 13 2.25 4.78 -1.64
C ALA A 13 2.47 4.33 -3.08
N ALA A 14 1.59 4.75 -3.98
CA ALA A 14 1.71 4.38 -5.38
C ALA A 14 3.02 4.89 -5.96
N ALA A 16 5.99 4.66 -5.66
CA ALA A 16 6.85 3.56 -6.07
C ALA A 16 6.04 2.33 -6.47
N ALA A 17 5.06 1.98 -5.64
CA ALA A 17 4.21 0.80 -5.91
C ALA A 17 3.43 0.96 -7.21
N CYS A 18 2.81 2.13 -7.38
CA CYS A 18 2.02 2.40 -8.58
C CYS A 18 2.90 2.31 -9.82
N GLY A 19 4.13 2.79 -9.70
CA GLY A 19 5.07 2.76 -10.82
C GLY A 19 5.75 1.41 -10.91
N TRP A 20 6.52 1.06 -9.88
CA TRP A 20 7.22 -0.22 -9.85
C TRP A 20 6.24 -1.38 -9.93
N VAL A 21 5.13 -1.26 -9.21
CA VAL A 21 4.12 -2.30 -9.19
C VAL A 21 4.77 -3.68 -9.30
N GLY A 22 6.00 -3.79 -8.82
CA GLY A 22 6.72 -5.06 -8.86
C GLY A 22 6.39 -5.91 -7.65
N GLY A 23 5.16 -5.80 -7.16
CA GLY A 23 4.73 -6.57 -5.99
C GLY A 23 4.77 -5.71 -4.74
N GLY A 24 5.31 -4.50 -4.86
CA GLY A 24 5.40 -3.60 -3.72
C GLY A 24 4.01 -3.21 -3.24
N ILE A 25 3.09 -3.03 -4.17
CA ILE A 25 1.72 -2.66 -3.83
C ILE A 25 1.05 -3.74 -2.99
N PHE A 26 0.95 -4.93 -3.55
CA PHE A 26 0.33 -6.05 -2.86
C PHE A 26 1.10 -6.37 -1.59
N THR A 27 2.43 -6.42 -1.72
CA THR A 27 3.28 -6.73 -0.57
C THR A 27 3.13 -5.65 0.50
N GLY A 28 3.14 -4.39 0.09
CA GLY A 28 3.01 -3.29 1.02
C GLY A 28 1.65 -3.31 1.70
N VAL A 29 0.59 -3.45 0.90
CA VAL A 29 -0.77 -3.48 1.43
C VAL A 29 -0.96 -4.69 2.33
N VAL A 31 1.52 -6.42 3.63
CA VAL A 31 2.48 -6.33 4.70
C VAL A 31 1.99 -5.37 5.79
N VAL A 32 1.52 -4.19 5.38
CA VAL A 32 1.03 -3.20 6.32
C VAL A 32 -0.19 -3.72 7.06
N VAL A 33 -1.15 -4.27 6.32
CA VAL A 33 -2.35 -4.80 6.93
C VAL A 33 -2.01 -5.73 8.07
N LEU A 35 0.48 -6.23 9.59
CA LEU A 35 1.18 -5.46 10.62
C LEU A 35 0.17 -4.67 11.44
N LYS A 36 -0.88 -4.19 10.78
CA LYS A 36 -1.92 -3.44 11.44
C LYS A 36 -2.95 -4.37 12.11
N HIS A 37 -3.35 -5.43 11.40
CA HIS A 37 -4.33 -6.38 11.93
C HIS A 37 -4.96 -7.22 10.82
N CYS A 38 -4.49 -8.45 10.65
CA CYS A 38 -5.02 -9.32 9.61
C CYS A 38 -6.45 -9.75 9.93
N PRO A 3 -10.38 21.64 -1.32
CA PRO A 3 -10.90 20.25 -1.18
C PRO A 3 -10.56 19.37 -2.38
N VAL A 4 -10.69 19.93 -3.58
CA VAL A 4 -10.41 19.18 -4.80
C VAL A 4 -8.95 18.73 -4.84
N CYS A 5 -8.05 19.64 -4.50
CA CYS A 5 -6.63 19.34 -4.48
C CYS A 5 -6.33 18.24 -3.47
N ALA A 6 -6.99 18.31 -2.32
CA ALA A 6 -6.79 17.32 -1.28
C ALA A 6 -7.23 15.95 -1.76
N VAL A 7 -8.33 15.91 -2.51
CA VAL A 7 -8.85 14.66 -3.03
C VAL A 7 -7.84 14.00 -3.97
N ALA A 8 -7.26 14.80 -4.86
CA ALA A 8 -6.28 14.28 -5.81
C ALA A 8 -5.04 13.78 -5.07
N ALA A 9 -4.63 14.52 -4.04
CA ALA A 9 -3.46 14.14 -3.26
C ALA A 9 -3.70 12.81 -2.55
N ALA A 11 -5.85 10.17 -3.37
CA ALA A 11 -5.76 9.06 -4.32
C ALA A 11 -4.39 9.04 -4.99
N ALA A 12 -3.88 10.22 -5.31
CA ALA A 12 -2.57 10.33 -5.96
C ALA A 12 -1.47 9.80 -5.03
N ALA A 13 -1.58 10.11 -3.75
CA ALA A 13 -0.59 9.65 -2.78
C ALA A 13 -0.62 8.13 -2.66
N ALA A 14 -1.83 7.57 -2.71
CA ALA A 14 -1.98 6.13 -2.60
C ALA A 14 -1.29 5.43 -3.76
N ALA A 16 1.37 4.92 -5.07
CA ALA A 16 2.42 4.02 -4.62
C ALA A 16 2.15 3.56 -3.19
N ALA A 17 1.71 4.48 -2.34
CA ALA A 17 1.44 4.14 -0.93
C ALA A 17 0.32 3.11 -0.83
N CYS A 18 -0.80 3.39 -1.47
CA CYS A 18 -1.94 2.47 -1.44
C CYS A 18 -1.55 1.13 -2.06
N GLY A 19 -0.92 1.20 -3.23
CA GLY A 19 -0.48 -0.01 -3.92
C GLY A 19 0.63 -0.71 -3.15
N TRP A 20 1.50 0.08 -2.53
CA TRP A 20 2.61 -0.46 -1.76
C TRP A 20 2.12 -1.32 -0.61
N VAL A 21 1.19 -0.78 0.15
CA VAL A 21 0.63 -1.51 1.28
C VAL A 21 -0.56 -2.35 0.82
N GLY A 22 -0.30 -3.61 0.48
CA GLY A 22 -1.35 -4.50 0.03
C GLY A 22 -2.07 -5.12 1.22
N GLY A 23 -1.57 -4.84 2.41
CA GLY A 23 -2.17 -5.39 3.63
C GLY A 23 -1.43 -4.91 4.87
N GLY A 24 -1.29 -3.59 5.00
CA GLY A 24 -0.60 -3.03 6.15
C GLY A 24 0.89 -3.31 6.08
N ILE A 25 1.35 -3.75 4.91
CA ILE A 25 2.76 -4.06 4.73
C ILE A 25 3.16 -5.30 5.52
N PHE A 26 2.83 -5.31 6.80
CA PHE A 26 3.15 -6.43 7.66
C PHE A 26 2.47 -7.70 7.17
N THR A 27 1.20 -7.59 6.80
CA THR A 27 0.44 -8.74 6.33
C THR A 27 1.10 -9.31 5.07
N GLY A 28 1.43 -8.44 4.13
CA GLY A 28 2.06 -8.89 2.89
C GLY A 28 3.45 -9.45 3.18
N VAL A 29 4.17 -8.80 4.08
CA VAL A 29 5.51 -9.24 4.44
C VAL A 29 5.46 -10.59 5.14
N VAL A 31 2.77 -12.55 5.09
CA VAL A 31 2.06 -13.46 4.20
C VAL A 31 2.99 -13.99 3.11
N VAL A 32 3.78 -13.09 2.52
CA VAL A 32 4.72 -13.48 1.47
C VAL A 32 5.78 -14.44 2.00
N VAL A 33 6.35 -14.09 3.15
CA VAL A 33 7.37 -14.92 3.76
C VAL A 33 6.84 -16.31 4.05
N LEU A 35 4.50 -17.72 2.97
CA LEU A 35 4.15 -18.33 1.72
C LEU A 35 5.36 -19.04 1.13
N LYS A 36 6.51 -18.38 1.20
CA LYS A 36 7.75 -18.95 0.69
C LYS A 36 8.34 -19.95 1.68
N HIS A 37 8.32 -19.59 2.96
CA HIS A 37 8.87 -20.45 4.00
C HIS A 37 9.16 -19.67 5.28
N CYS A 38 8.35 -19.88 6.30
CA CYS A 38 8.52 -19.17 7.57
C CYS A 38 9.77 -19.68 8.30
N PRO A 3 -12.44 7.26 3.74
CA PRO A 3 -12.04 6.95 2.33
C PRO A 3 -11.25 8.08 1.70
N VAL A 4 -11.53 9.31 2.12
CA VAL A 4 -10.83 10.47 1.58
C VAL A 4 -9.34 10.40 1.90
N CYS A 5 -9.01 10.62 3.18
CA CYS A 5 -7.61 10.59 3.61
C CYS A 5 -7.03 9.20 3.42
N ALA A 6 -7.83 8.18 3.70
CA ALA A 6 -7.37 6.80 3.57
C ALA A 6 -6.93 6.53 2.13
N VAL A 7 -7.75 6.95 1.17
CA VAL A 7 -7.44 6.75 -0.24
C VAL A 7 -6.18 7.52 -0.62
N ALA A 8 -6.11 8.77 -0.16
CA ALA A 8 -4.96 9.62 -0.48
C ALA A 8 -3.68 9.01 0.10
N ALA A 9 -3.80 8.41 1.29
CA ALA A 9 -2.65 7.80 1.93
C ALA A 9 -2.10 6.65 1.09
N ALA A 11 -2.28 6.44 -2.09
CA ALA A 11 -1.64 7.02 -3.27
C ALA A 11 -0.18 7.38 -2.96
N ALA A 12 0.05 7.94 -1.77
CA ALA A 12 1.39 8.32 -1.37
C ALA A 12 2.29 7.09 -1.25
N ALA A 13 1.73 6.01 -0.71
CA ALA A 13 2.47 4.77 -0.54
C ALA A 13 2.85 4.19 -1.90
N ALA A 14 2.05 4.50 -2.90
CA ALA A 14 2.31 4.00 -4.25
C ALA A 14 3.69 4.42 -4.73
N ALA A 16 6.32 4.19 -4.00
CA ALA A 16 7.22 3.04 -3.99
C ALA A 16 6.55 1.81 -4.60
N ALA A 17 5.43 1.40 -4.02
CA ALA A 17 4.71 0.23 -4.52
C ALA A 17 4.18 0.47 -5.94
N CYS A 18 3.56 1.62 -6.15
CA CYS A 18 3.02 1.96 -7.46
C CYS A 18 4.14 1.97 -8.51
N GLY A 19 5.32 2.41 -8.10
CA GLY A 19 6.46 2.46 -9.01
C GLY A 19 7.18 1.11 -9.04
N TRP A 20 7.75 0.72 -7.91
CA TRP A 20 8.46 -0.55 -7.82
C TRP A 20 7.54 -1.72 -8.15
N VAL A 21 6.31 -1.63 -7.69
CA VAL A 21 5.34 -2.69 -7.95
C VAL A 21 6.04 -4.02 -8.13
N GLY A 22 7.03 -4.28 -7.29
CA GLY A 22 7.78 -5.52 -7.36
C GLY A 22 6.85 -6.72 -7.14
N GLY A 23 5.75 -6.48 -6.44
CA GLY A 23 4.79 -7.55 -6.17
C GLY A 23 3.36 -7.00 -6.11
N GLY A 24 2.97 -6.30 -7.17
CA GLY A 24 1.64 -5.73 -7.24
C GLY A 24 1.34 -4.94 -5.96
N ILE A 25 1.22 -3.64 -6.09
CA ILE A 25 0.93 -2.78 -4.94
C ILE A 25 0.05 -3.50 -3.95
N PHE A 26 -0.77 -4.41 -4.46
CA PHE A 26 -1.67 -5.17 -3.61
C PHE A 26 -0.88 -5.95 -2.55
N THR A 27 0.20 -6.60 -2.96
CA THR A 27 1.02 -7.37 -2.04
C THR A 27 1.61 -6.45 -0.97
N GLY A 28 2.17 -5.33 -1.40
CA GLY A 28 2.76 -4.38 -0.46
C GLY A 28 1.69 -3.74 0.42
N VAL A 29 0.56 -3.39 -0.20
CA VAL A 29 -0.53 -2.78 0.53
C VAL A 29 -1.12 -3.77 1.54
N VAL A 31 0.42 -6.59 2.50
CA VAL A 31 1.50 -7.01 3.37
C VAL A 31 1.74 -5.97 4.46
N VAL A 32 1.77 -4.71 4.07
CA VAL A 32 2.00 -3.63 5.03
C VAL A 32 0.86 -3.56 6.04
N VAL A 33 -0.36 -3.64 5.55
CA VAL A 33 -1.53 -3.57 6.43
C VAL A 33 -1.51 -4.73 7.40
N LEU A 35 1.10 -6.65 8.65
CA LEU A 35 2.10 -6.39 9.69
C LEU A 35 1.77 -5.11 10.43
N LYS A 36 1.38 -4.08 9.68
CA LYS A 36 1.05 -2.79 10.29
C LYS A 36 -0.15 -2.94 11.22
N HIS A 37 -1.12 -3.76 10.82
CA HIS A 37 -2.32 -3.95 11.63
C HIS A 37 -2.41 -5.38 12.15
N CYS A 38 -2.51 -6.35 11.24
CA CYS A 38 -2.62 -7.74 11.62
C CYS A 38 -1.25 -8.39 11.73
N PRO A 3 -12.73 20.49 -3.61
CA PRO A 3 -12.64 19.07 -4.02
C PRO A 3 -11.58 18.83 -5.11
N VAL A 4 -11.35 19.83 -5.94
CA VAL A 4 -10.37 19.71 -7.02
C VAL A 4 -8.96 19.54 -6.46
N CYS A 5 -8.58 20.40 -5.53
CA CYS A 5 -7.27 20.34 -4.92
C CYS A 5 -7.25 19.36 -3.77
N ALA A 6 -8.32 19.40 -2.98
CA ALA A 6 -8.43 18.51 -1.84
C ALA A 6 -8.38 17.05 -2.30
N VAL A 7 -9.14 16.74 -3.34
CA VAL A 7 -9.16 15.39 -3.88
C VAL A 7 -7.80 15.02 -4.45
N ALA A 8 -7.20 15.94 -5.20
CA ALA A 8 -5.90 15.67 -5.81
C ALA A 8 -4.85 15.46 -4.72
N ALA A 9 -4.97 16.20 -3.63
CA ALA A 9 -4.02 16.07 -2.53
C ALA A 9 -4.06 14.67 -1.93
N ALA A 11 -5.42 11.90 -3.52
CA ALA A 11 -5.04 10.96 -4.57
C ALA A 11 -3.53 11.03 -4.85
N ALA A 12 -2.99 12.25 -4.79
CA ALA A 12 -1.57 12.45 -5.04
C ALA A 12 -0.73 11.74 -3.97
N ALA A 13 -1.20 11.80 -2.73
CA ALA A 13 -0.49 11.17 -1.63
C ALA A 13 -0.43 9.65 -1.82
N ALA A 14 -1.55 9.08 -2.26
CA ALA A 14 -1.62 7.64 -2.48
C ALA A 14 -0.70 7.23 -3.63
N ALA A 16 2.05 7.29 -4.31
CA ALA A 16 3.16 6.49 -3.80
C ALA A 16 2.69 5.52 -2.73
N ALA A 17 2.03 6.06 -1.69
CA ALA A 17 1.55 5.23 -0.59
C ALA A 17 0.53 4.19 -1.07
N CYS A 18 -0.45 4.64 -1.85
CA CYS A 18 -1.47 3.75 -2.37
C CYS A 18 -0.85 2.73 -3.32
N GLY A 19 0.05 3.21 -4.18
CA GLY A 19 0.71 2.33 -5.13
C GLY A 19 1.82 1.53 -4.46
N TRP A 20 2.33 2.06 -3.35
CA TRP A 20 3.41 1.40 -2.60
C TRP A 20 2.96 0.03 -2.14
N VAL A 21 1.82 -0.01 -1.47
CA VAL A 21 1.29 -1.26 -0.97
C VAL A 21 0.36 -1.88 -2.01
N GLY A 22 0.93 -2.72 -2.86
CA GLY A 22 0.15 -3.39 -3.89
C GLY A 22 -0.26 -4.78 -3.45
N GLY A 23 -0.01 -5.07 -2.17
CA GLY A 23 -0.36 -6.37 -1.61
C GLY A 23 0.87 -7.27 -1.54
N GLY A 24 1.95 -6.84 -2.17
CA GLY A 24 3.19 -7.61 -2.17
C GLY A 24 3.75 -7.73 -0.77
N ILE A 25 3.61 -6.67 0.03
CA ILE A 25 4.11 -6.66 1.39
C ILE A 25 3.36 -7.68 2.25
N PHE A 26 2.05 -7.74 2.07
CA PHE A 26 1.21 -8.67 2.82
C PHE A 26 1.64 -10.10 2.53
N THR A 27 1.86 -10.41 1.27
CA THR A 27 2.26 -11.75 0.87
C THR A 27 3.57 -12.14 1.54
N GLY A 28 4.53 -11.22 1.52
CA GLY A 28 5.82 -11.48 2.14
C GLY A 28 5.67 -11.59 3.65
N VAL A 29 4.86 -10.70 4.22
CA VAL A 29 4.62 -10.70 5.65
C VAL A 29 3.91 -11.98 6.08
N VAL A 31 3.64 -14.72 4.15
CA VAL A 31 4.47 -15.83 3.70
C VAL A 31 5.63 -16.08 4.66
N VAL A 32 6.31 -15.00 5.05
CA VAL A 32 7.43 -15.10 5.96
C VAL A 32 7.00 -15.66 7.31
N VAL A 33 5.91 -15.13 7.84
CA VAL A 33 5.39 -15.58 9.13
C VAL A 33 4.95 -17.03 9.05
N LEU A 35 5.61 -19.19 7.19
CA LEU A 35 6.76 -20.05 6.94
C LEU A 35 7.39 -20.42 8.28
N LYS A 36 7.58 -19.41 9.13
CA LYS A 36 8.15 -19.62 10.44
C LYS A 36 7.16 -20.30 11.39
N HIS A 37 5.92 -19.82 11.39
CA HIS A 37 4.89 -20.39 12.27
C HIS A 37 3.70 -19.44 12.42
N CYS A 38 2.59 -19.76 11.76
CA CYS A 38 1.40 -18.93 11.84
C CYS A 38 0.75 -19.02 13.23
N PRO A 3 -11.56 18.28 -0.49
CA PRO A 3 -11.89 17.02 -1.19
C PRO A 3 -11.29 16.97 -2.59
N VAL A 4 -11.23 18.13 -3.25
CA VAL A 4 -10.67 18.19 -4.60
C VAL A 4 -9.17 17.96 -4.59
N CYS A 5 -8.46 18.72 -3.78
CA CYS A 5 -7.00 18.59 -3.68
C CYS A 5 -6.63 17.44 -2.77
N ALA A 6 -7.23 17.43 -1.59
CA ALA A 6 -6.94 16.37 -0.61
C ALA A 6 -7.08 15.00 -1.25
N VAL A 7 -8.18 14.79 -2.00
CA VAL A 7 -8.40 13.52 -2.67
C VAL A 7 -7.34 13.28 -3.73
N ALA A 8 -7.06 14.31 -4.51
CA ALA A 8 -6.05 14.20 -5.57
C ALA A 8 -4.70 13.79 -4.99
N ALA A 9 -4.28 14.48 -3.93
CA ALA A 9 -3.01 14.19 -3.28
C ALA A 9 -3.03 12.78 -2.69
N ALA A 11 -4.84 10.02 -3.77
CA ALA A 11 -4.68 9.03 -4.83
C ALA A 11 -3.32 9.18 -5.50
N ALA A 12 -2.88 10.42 -5.66
CA ALA A 12 -1.59 10.68 -6.29
C ALA A 12 -0.46 10.12 -5.44
N ALA A 13 -0.59 10.23 -4.12
CA ALA A 13 0.43 9.73 -3.22
C ALA A 13 0.55 8.21 -3.34
N ALA A 14 -0.58 7.54 -3.46
CA ALA A 14 -0.59 6.09 -3.59
C ALA A 14 0.09 5.66 -4.89
N ALA A 16 2.65 5.83 -6.22
CA ALA A 16 3.89 5.12 -5.95
C ALA A 16 3.76 4.24 -4.70
N ALA A 17 3.28 4.84 -3.62
CA ALA A 17 3.12 4.10 -2.36
C ALA A 17 2.11 2.95 -2.53
N CYS A 18 0.95 3.28 -3.08
CA CYS A 18 -0.08 2.28 -3.29
C CYS A 18 0.40 1.20 -4.26
N GLY A 19 1.08 1.63 -5.31
CA GLY A 19 1.61 0.70 -6.30
C GLY A 19 2.68 -0.19 -5.70
N TRP A 20 3.57 0.42 -4.91
CA TRP A 20 4.64 -0.34 -4.27
C TRP A 20 4.08 -1.31 -3.25
N VAL A 21 3.17 -0.83 -2.40
CA VAL A 21 2.56 -1.67 -1.38
C VAL A 21 1.77 -2.80 -2.02
N GLY A 22 0.97 -2.46 -3.02
CA GLY A 22 0.16 -3.46 -3.71
C GLY A 22 -0.97 -3.95 -2.81
N GLY A 23 -0.67 -4.16 -1.54
CA GLY A 23 -1.66 -4.63 -0.58
C GLY A 23 -1.25 -4.30 0.84
N GLY A 24 -0.91 -3.04 1.07
CA GLY A 24 -0.49 -2.60 2.40
C GLY A 24 0.62 -3.51 2.93
N ILE A 25 1.80 -2.94 3.13
CA ILE A 25 2.93 -3.70 3.63
C ILE A 25 2.47 -4.76 4.62
N PHE A 26 1.37 -4.47 5.28
CA PHE A 26 0.81 -5.39 6.27
C PHE A 26 0.53 -6.74 5.61
N THR A 27 -0.08 -6.74 4.42
CA THR A 27 -0.39 -7.97 3.73
C THR A 27 0.89 -8.76 3.43
N GLY A 28 1.89 -8.07 2.90
CA GLY A 28 3.16 -8.72 2.59
C GLY A 28 3.87 -9.16 3.86
N VAL A 29 3.82 -8.31 4.89
CA VAL A 29 4.45 -8.64 6.16
C VAL A 29 3.77 -9.83 6.81
N VAL A 31 1.65 -11.91 5.21
CA VAL A 31 1.71 -13.01 4.26
C VAL A 31 3.10 -13.64 4.24
N VAL A 32 4.13 -12.80 4.23
CA VAL A 32 5.50 -13.28 4.21
C VAL A 32 5.81 -14.05 5.49
N VAL A 33 5.40 -13.50 6.63
CA VAL A 33 5.66 -14.15 7.90
C VAL A 33 4.95 -15.50 7.96
N LEU A 35 3.82 -17.19 5.30
CA LEU A 35 4.41 -17.99 4.22
C LEU A 35 5.79 -18.49 4.63
N LYS A 36 6.58 -17.61 5.23
CA LYS A 36 7.92 -17.96 5.67
C LYS A 36 7.87 -18.97 6.80
N HIS A 37 6.94 -18.77 7.73
CA HIS A 37 6.82 -19.68 8.86
C HIS A 37 5.50 -20.45 8.80
N CYS A 38 4.46 -19.89 9.41
CA CYS A 38 3.15 -20.52 9.43
C CYS A 38 2.66 -20.76 8.00
N PRO A 3 -12.74 15.99 1.23
CA PRO A 3 -12.60 15.13 0.01
C PRO A 3 -11.24 15.27 -0.65
N VAL A 4 -10.63 16.45 -0.53
CA VAL A 4 -9.31 16.69 -1.12
C VAL A 4 -8.26 15.82 -0.45
N CYS A 5 -8.31 15.76 0.87
CA CYS A 5 -7.36 14.96 1.64
C CYS A 5 -7.48 13.49 1.28
N ALA A 6 -8.72 13.02 1.14
CA ALA A 6 -8.96 11.63 0.79
C ALA A 6 -8.36 11.33 -0.59
N VAL A 7 -8.49 12.28 -1.50
CA VAL A 7 -7.97 12.12 -2.85
C VAL A 7 -6.45 12.00 -2.83
N ALA A 8 -5.81 12.86 -2.05
CA ALA A 8 -4.35 12.84 -1.96
C ALA A 8 -3.87 11.54 -1.34
N ALA A 9 -4.62 11.05 -0.35
CA ALA A 9 -4.26 9.80 0.32
C ALA A 9 -4.32 8.64 -0.65
N ALA A 11 -3.93 8.60 -4.11
CA ALA A 11 -2.77 8.63 -4.98
C ALA A 11 -1.48 8.52 -4.16
N ALA A 12 -1.46 9.16 -3.00
CA ALA A 12 -0.29 9.13 -2.14
C ALA A 12 -0.02 7.71 -1.65
N ALA A 13 -1.09 6.99 -1.34
CA ALA A 13 -0.96 5.62 -0.86
C ALA A 13 -0.36 4.73 -1.95
N ALA A 14 -0.75 4.98 -3.20
CA ALA A 14 -0.23 4.19 -4.31
C ALA A 14 1.28 4.30 -4.40
N ALA A 16 3.48 4.00 -2.86
CA ALA A 16 4.13 2.81 -2.33
C ALA A 16 3.58 1.55 -3.00
N ALA A 17 2.27 1.40 -3.00
CA ALA A 17 1.65 0.22 -3.61
C ALA A 17 1.58 0.36 -5.13
N CYS A 18 0.74 1.27 -5.60
CA CYS A 18 0.59 1.49 -7.04
C CYS A 18 1.92 1.89 -7.65
N GLY A 19 2.59 2.82 -7.00
CA GLY A 19 3.89 3.29 -7.48
C GLY A 19 4.86 2.14 -7.65
N TRP A 20 4.89 1.23 -6.68
CA TRP A 20 5.79 0.07 -6.76
C TRP A 20 5.22 -0.98 -7.69
N VAL A 21 4.01 -1.44 -7.39
CA VAL A 21 3.35 -2.44 -8.21
C VAL A 21 4.06 -3.79 -8.08
N GLY A 22 5.33 -3.82 -8.47
CA GLY A 22 6.12 -5.05 -8.39
C GLY A 22 6.65 -5.26 -6.98
N GLY A 23 6.52 -4.22 -6.16
CA GLY A 23 7.01 -4.29 -4.78
C GLY A 23 5.88 -3.96 -3.79
N GLY A 24 4.89 -3.21 -4.27
CA GLY A 24 3.77 -2.82 -3.43
C GLY A 24 2.96 -4.04 -2.98
N ILE A 25 2.78 -4.99 -3.90
CA ILE A 25 2.01 -6.20 -3.59
C ILE A 25 2.74 -7.04 -2.55
N PHE A 26 4.05 -7.15 -2.69
CA PHE A 26 4.86 -7.93 -1.77
C PHE A 26 4.75 -7.35 -0.35
N THR A 27 4.84 -6.03 -0.24
CA THR A 27 4.76 -5.37 1.06
C THR A 27 3.42 -5.69 1.72
N GLY A 28 2.34 -5.60 0.95
CA GLY A 28 1.01 -5.89 1.48
C GLY A 28 0.91 -7.37 1.85
N VAL A 29 1.45 -8.22 0.99
CA VAL A 29 1.42 -9.66 1.21
C VAL A 29 2.24 -10.03 2.45
N VAL A 31 3.31 -7.81 4.72
CA VAL A 31 2.78 -7.02 5.83
C VAL A 31 1.50 -7.64 6.36
N VAL A 32 0.61 -8.04 5.46
CA VAL A 32 -0.66 -8.63 5.85
C VAL A 32 -0.45 -9.96 6.58
N VAL A 33 0.41 -10.80 6.01
CA VAL A 33 0.68 -12.09 6.63
C VAL A 33 1.22 -11.91 8.04
N LEU A 35 1.13 -9.71 9.90
CA LEU A 35 0.11 -9.11 10.73
C LEU A 35 -0.78 -10.21 11.30
N LYS A 36 -1.20 -11.13 10.44
CA LYS A 36 -2.03 -12.25 10.85
C LYS A 36 -1.24 -13.28 11.63
N HIS A 37 -0.05 -13.61 11.13
CA HIS A 37 0.79 -14.61 11.79
C HIS A 37 1.88 -15.15 10.85
N CYS A 38 3.12 -14.71 11.05
CA CYS A 38 4.22 -15.15 10.21
C CYS A 38 4.54 -16.62 10.49
N PRO A 3 -10.70 11.05 6.70
CA PRO A 3 -10.58 9.74 6.02
C PRO A 3 -10.51 9.89 4.50
N VAL A 4 -11.19 10.92 3.98
CA VAL A 4 -11.19 11.16 2.54
C VAL A 4 -9.80 11.56 2.08
N CYS A 5 -9.17 12.48 2.81
CA CYS A 5 -7.83 12.92 2.45
C CYS A 5 -6.84 11.77 2.51
N ALA A 6 -6.97 10.93 3.54
CA ALA A 6 -6.08 9.79 3.70
C ALA A 6 -6.26 8.80 2.55
N VAL A 7 -7.51 8.63 2.11
CA VAL A 7 -7.79 7.70 1.02
C VAL A 7 -7.13 8.18 -0.26
N ALA A 8 -7.23 9.47 -0.55
CA ALA A 8 -6.63 10.04 -1.74
C ALA A 8 -5.11 9.89 -1.71
N ALA A 9 -4.53 10.10 -0.53
CA ALA A 9 -3.09 9.98 -0.37
C ALA A 9 -2.63 8.55 -0.63
N ALA A 11 -3.94 6.21 -2.62
CA ALA A 11 -3.88 5.97 -4.06
C ALA A 11 -2.78 6.82 -4.71
N ALA A 12 -2.65 8.05 -4.23
CA ALA A 12 -1.63 8.96 -4.76
C ALA A 12 -0.23 8.42 -4.47
N ALA A 13 -0.06 7.84 -3.29
CA ALA A 13 1.24 7.29 -2.90
C ALA A 13 1.63 6.13 -3.82
N ALA A 14 0.64 5.33 -4.21
CA ALA A 14 0.89 4.20 -5.09
C ALA A 14 1.47 4.67 -6.42
N ALA A 16 3.81 6.10 -7.73
CA ALA A 16 5.15 5.58 -7.96
C ALA A 16 5.38 4.29 -7.18
N ALA A 17 4.97 4.29 -5.91
CA ALA A 17 5.15 3.12 -5.05
C ALA A 17 4.41 1.91 -5.61
N CYS A 18 3.13 2.11 -5.94
CA CYS A 18 2.32 1.03 -6.47
C CYS A 18 2.96 0.47 -7.74
N GLY A 19 3.36 1.36 -8.65
CA GLY A 19 4.00 0.94 -9.88
C GLY A 19 5.35 0.31 -9.61
N TRP A 20 6.06 0.86 -8.63
CA TRP A 20 7.39 0.34 -8.28
C TRP A 20 7.31 -1.11 -7.82
N VAL A 21 6.32 -1.40 -6.99
CA VAL A 21 6.12 -2.74 -6.47
C VAL A 21 7.46 -3.41 -6.20
N GLY A 22 8.25 -2.80 -5.32
CA GLY A 22 9.55 -3.34 -4.98
C GLY A 22 9.40 -4.59 -4.12
N GLY A 23 8.16 -4.99 -3.87
CA GLY A 23 7.90 -6.17 -3.06
C GLY A 23 6.79 -7.02 -3.68
N GLY A 24 6.62 -6.90 -4.98
CA GLY A 24 5.61 -7.67 -5.68
C GLY A 24 4.21 -7.12 -5.38
N ILE A 25 4.16 -5.96 -4.73
CA ILE A 25 2.90 -5.35 -4.37
C ILE A 25 2.18 -6.14 -3.29
N PHE A 26 2.08 -7.44 -3.51
CA PHE A 26 1.42 -8.32 -2.55
C PHE A 26 2.17 -8.36 -1.23
N THR A 27 3.49 -8.28 -1.31
CA THR A 27 4.31 -8.31 -0.10
C THR A 27 4.05 -7.07 0.75
N GLY A 28 4.45 -5.91 0.25
CA GLY A 28 4.24 -4.68 1.00
C GLY A 28 2.78 -4.54 1.43
N VAL A 29 1.87 -4.65 0.48
CA VAL A 29 0.45 -4.55 0.78
C VAL A 29 -0.04 -5.75 1.57
N VAL A 31 1.89 -8.24 3.25
CA VAL A 31 2.58 -8.33 4.53
C VAL A 31 2.13 -7.21 5.45
N VAL A 32 1.77 -6.06 4.87
CA VAL A 32 1.31 -4.93 5.66
C VAL A 32 -0.04 -5.25 6.33
N VAL A 33 -0.97 -5.78 5.54
CA VAL A 33 -2.28 -6.13 6.06
C VAL A 33 -2.17 -7.28 7.05
N LEU A 35 0.32 -7.88 8.77
CA LEU A 35 0.99 -7.33 9.92
C LEU A 35 -0.01 -6.84 10.96
N LYS A 36 -1.25 -6.63 10.52
CA LYS A 36 -2.29 -6.17 11.43
C LYS A 36 -3.19 -7.32 11.87
N HIS A 37 -3.63 -8.13 10.92
CA HIS A 37 -4.51 -9.26 11.22
C HIS A 37 -3.73 -10.57 11.28
N CYS A 38 -2.57 -10.61 10.63
CA CYS A 38 -1.72 -11.79 10.62
C CYS A 38 -0.70 -11.74 11.74
#